data_7WWG
#
_entry.id   7WWG
#
_cell.length_a   75.137
_cell.length_b   75.137
_cell.length_c   146.807
_cell.angle_alpha   90.000
_cell.angle_beta   90.000
_cell.angle_gamma   90.000
#
_symmetry.space_group_name_H-M   'P 43 21 2'
#
loop_
_entity.id
_entity.type
_entity.pdbx_description
1 polymer 'Phosphatidylinositol transfer protein CSR1'
2 non-polymer '(1R)-2-{[(S)-hydroxy{[(1S,2R,3R,4S,5S,6R)-2,3,4,5,6-pentahydroxycyclohexyl]oxy}phosphoryl]oxy}-1-[(octadecanoyloxy)methyl]ethyl (9Z)-octadec-9-enoate'
#
_entity_poly.entity_id   1
_entity_poly.type   'polypeptide(L)'
_entity_poly.pdbx_seq_one_letter_code
;GSAMGSFDRQLTEDQEVVLKQIWTHLFHLWQVPVDGTHIFPNNSLHSKKKSSWFSKLQDSSEAAEAAHLYEKGKIHKALA
NLDPQTTKKQFWHDIKNETPDATILKFIRARKWNADKTIAMLGHDLYWRKDTINKIINGGERAVYENNETGVIKNLELQK
ATIQGYDNDMRPVILVRPRLHHSSDQTEQELEKFSLLVIEQSKLFFKENYPASTTILFDLNGFSMSNMDYAPVKFLITCF
EAHYPESLGHLLIHKAPWIFNPIWNIIKNWLDPVVASKIVFTKNIDELHKFIQPQYIPRYLGGENDNDLDHYTPPDGSLD
VHLKDTETRAMIEKEREELVEQFLTVTAQWIEHQPLNDPAYIQLQEKRVQLSTALCENYSKLDPYIRSRSVYDYNGSLKV
;
_entity_poly.pdbx_strand_id   A
#
# COMPACT_ATOMS: atom_id res chain seq x y z
N GLN A 10 -18.37 -8.73 -4.99
CA GLN A 10 -18.69 -8.10 -6.28
C GLN A 10 -19.32 -6.72 -6.17
N LEU A 11 -19.26 -5.93 -7.25
CA LEU A 11 -19.85 -4.60 -7.28
C LEU A 11 -21.27 -4.65 -7.82
N THR A 12 -22.06 -3.63 -7.45
CA THR A 12 -23.39 -3.41 -7.97
C THR A 12 -23.32 -2.39 -9.11
N GLU A 13 -24.48 -2.08 -9.70
CA GLU A 13 -24.54 -1.41 -11.01
C GLU A 13 -24.12 0.06 -10.91
N ASP A 14 -24.60 0.76 -9.88
CA ASP A 14 -24.13 2.10 -9.54
C ASP A 14 -22.62 2.12 -9.22
N GLN A 15 -22.16 1.12 -8.49
CA GLN A 15 -20.74 1.06 -8.20
C GLN A 15 -19.93 0.92 -9.49
N GLU A 16 -20.33 -0.01 -10.37
CA GLU A 16 -19.66 -0.16 -11.66
C GLU A 16 -19.73 1.13 -12.46
N VAL A 17 -20.83 1.88 -12.34
CA VAL A 17 -20.94 3.21 -12.95
C VAL A 17 -19.76 4.09 -12.55
N VAL A 18 -19.50 4.22 -11.25
CA VAL A 18 -18.42 5.12 -10.82
C VAL A 18 -17.05 4.57 -11.24
N LEU A 19 -16.87 3.25 -11.16
CA LEU A 19 -15.60 2.67 -11.59
C LEU A 19 -15.35 2.92 -13.09
N LYS A 20 -16.39 2.77 -13.91
CA LYS A 20 -16.33 3.12 -15.32
C LYS A 20 -15.95 4.59 -15.52
N GLN A 21 -16.54 5.49 -14.73
CA GLN A 21 -16.22 6.91 -14.88
C GLN A 21 -14.74 7.17 -14.63
N ILE A 22 -14.16 6.52 -13.62
CA ILE A 22 -12.75 6.75 -13.35
C ILE A 22 -11.89 6.16 -14.47
N TRP A 23 -12.11 4.89 -14.84
CA TRP A 23 -11.29 4.30 -15.90
C TRP A 23 -11.38 5.12 -17.18
N THR A 24 -12.56 5.64 -17.49
CA THR A 24 -12.70 6.51 -18.66
C THR A 24 -11.78 7.72 -18.54
N HIS A 25 -11.84 8.45 -17.42
CA HIS A 25 -10.90 9.56 -17.22
C HIS A 25 -9.47 9.12 -17.43
N LEU A 26 -9.13 7.92 -16.98
CA LEU A 26 -7.75 7.51 -17.08
C LEU A 26 -7.36 7.26 -18.53
N PHE A 27 -8.21 6.56 -19.29
CA PHE A 27 -7.88 6.30 -20.68
C PHE A 27 -7.84 7.60 -21.48
N HIS A 28 -8.67 8.57 -21.10
CA HIS A 28 -8.61 9.91 -21.69
C HIS A 28 -7.31 10.60 -21.37
N LEU A 29 -6.71 10.30 -20.23
CA LEU A 29 -5.36 10.81 -19.98
C LEU A 29 -4.33 10.08 -20.85
N TRP A 30 -4.49 8.78 -21.01
CA TRP A 30 -3.52 7.95 -21.73
C TRP A 30 -3.86 7.78 -23.19
N GLN A 31 -4.89 8.49 -23.65
CA GLN A 31 -5.24 8.65 -25.05
C GLN A 31 -5.71 7.36 -25.72
N VAL A 32 -6.04 6.35 -24.93
CA VAL A 32 -6.59 5.11 -25.46
C VAL A 32 -8.05 5.42 -25.81
N PRO A 33 -8.63 4.84 -26.87
CA PRO A 33 -9.98 5.25 -27.27
C PRO A 33 -11.06 4.63 -26.39
N VAL A 34 -12.14 5.39 -26.19
CA VAL A 34 -13.27 4.99 -25.35
C VAL A 34 -14.48 5.89 -25.58
N ASP A 35 -15.69 5.34 -25.44
CA ASP A 35 -16.95 6.07 -25.60
C ASP A 35 -17.65 6.02 -24.23
N GLY A 36 -17.47 7.07 -23.43
CA GLY A 36 -18.05 7.09 -22.09
C GLY A 36 -19.55 7.23 -22.11
N THR A 37 -20.07 8.04 -23.04
CA THR A 37 -21.46 8.52 -23.00
C THR A 37 -22.45 7.42 -22.60
N HIS A 38 -22.28 6.21 -23.12
CA HIS A 38 -23.35 5.21 -23.03
C HIS A 38 -23.66 4.84 -21.58
N ILE A 39 -22.62 4.74 -20.75
CA ILE A 39 -22.74 4.55 -19.29
C ILE A 39 -23.63 3.36 -18.87
N LYS A 74 -12.02 18.34 -22.94
CA LYS A 74 -12.13 16.90 -23.08
C LYS A 74 -11.47 16.15 -21.90
N ILE A 75 -10.41 16.75 -21.33
CA ILE A 75 -9.66 16.16 -20.23
C ILE A 75 -10.05 16.84 -18.91
N HIS A 76 -10.21 16.04 -17.85
CA HIS A 76 -10.65 16.54 -16.55
C HIS A 76 -9.51 17.26 -15.80
N LYS A 77 -9.91 18.24 -14.98
CA LYS A 77 -9.00 19.30 -14.52
C LYS A 77 -8.04 18.84 -13.42
N ALA A 78 -8.41 17.85 -12.60
CA ALA A 78 -7.47 17.34 -11.61
C ALA A 78 -6.28 16.68 -12.27
N LEU A 79 -6.52 15.89 -13.31
CA LEU A 79 -5.43 15.31 -14.08
C LEU A 79 -4.69 16.34 -14.92
N ALA A 80 -5.26 17.53 -15.10
CA ALA A 80 -4.92 18.37 -16.24
C ALA A 80 -3.47 18.81 -16.31
N ASN A 81 -2.62 18.51 -15.32
CA ASN A 81 -1.21 18.82 -15.47
C ASN A 81 -0.34 17.57 -15.27
N LEU A 82 -0.71 16.49 -15.95
CA LEU A 82 0.00 15.21 -15.93
C LEU A 82 0.33 14.81 -17.36
N ASP A 83 1.45 14.08 -17.54
CA ASP A 83 1.93 13.79 -18.89
C ASP A 83 1.48 12.41 -19.33
N PRO A 84 0.71 12.28 -20.46
CA PRO A 84 0.10 10.98 -20.83
C PRO A 84 1.02 9.77 -20.86
N GLN A 85 2.09 9.80 -21.67
CA GLN A 85 3.02 8.68 -21.71
C GLN A 85 3.58 8.37 -20.32
N THR A 86 3.97 9.41 -19.58
CA THR A 86 4.66 9.18 -18.30
C THR A 86 3.70 8.65 -17.24
N THR A 87 2.59 9.33 -17.04
CA THR A 87 1.65 8.88 -16.02
C THR A 87 1.12 7.48 -16.34
N LYS A 88 0.89 7.17 -17.62
CA LYS A 88 0.51 5.80 -17.98
C LYS A 88 1.58 4.81 -17.52
N LYS A 89 2.84 5.05 -17.93
CA LYS A 89 3.90 4.10 -17.60
C LYS A 89 4.04 3.93 -16.10
N GLN A 90 3.92 5.04 -15.37
CA GLN A 90 4.14 4.98 -13.93
C GLN A 90 3.01 4.25 -13.24
N PHE A 91 1.76 4.54 -13.61
CA PHE A 91 0.63 3.91 -12.95
C PHE A 91 0.66 2.41 -13.12
N TRP A 92 1.18 1.92 -14.25
CA TRP A 92 1.21 0.48 -14.41
C TRP A 92 2.47 -0.17 -13.87
N HIS A 93 3.53 0.62 -13.64
CA HIS A 93 4.62 0.10 -12.82
C HIS A 93 4.20 -0.05 -11.38
N ASP A 94 3.35 0.85 -10.91
CA ASP A 94 2.84 0.85 -9.54
C ASP A 94 1.76 -0.21 -9.30
N ILE A 95 1.44 -1.07 -10.27
CA ILE A 95 0.42 -2.11 -10.10
C ILE A 95 1.12 -3.46 -9.97
N LYS A 96 1.39 -3.89 -8.73
CA LYS A 96 2.32 -4.98 -8.53
C LYS A 96 1.66 -6.28 -8.12
N ASN A 97 0.97 -6.38 -7.00
CA ASN A 97 0.37 -7.68 -6.66
C ASN A 97 -1.08 -7.53 -6.26
N GLU A 98 -1.69 -6.41 -6.56
CA GLU A 98 -3.13 -6.23 -6.52
C GLU A 98 -3.67 -6.01 -7.93
N THR A 99 -4.94 -6.29 -8.11
CA THR A 99 -5.60 -6.04 -9.38
C THR A 99 -5.78 -4.53 -9.60
N PRO A 100 -5.84 -4.08 -10.85
CA PRO A 100 -5.94 -2.64 -11.10
C PRO A 100 -7.22 -2.06 -10.57
N ASP A 101 -8.31 -2.79 -10.81
CA ASP A 101 -9.61 -2.40 -10.27
C ASP A 101 -9.55 -2.19 -8.77
N ALA A 102 -8.80 -3.02 -8.06
CA ALA A 102 -8.67 -2.83 -6.61
C ALA A 102 -7.90 -1.56 -6.29
N THR A 103 -6.72 -1.40 -6.90
CA THR A 103 -5.92 -0.18 -6.78
C THR A 103 -6.77 1.07 -6.88
N ILE A 104 -7.75 1.06 -7.80
CA ILE A 104 -8.56 2.25 -8.06
C ILE A 104 -9.76 2.35 -7.12
N LEU A 105 -10.44 1.24 -6.88
CA LEU A 105 -11.59 1.24 -6.00
C LEU A 105 -11.23 1.74 -4.60
N LYS A 106 -9.95 1.60 -4.19
CA LYS A 106 -9.56 2.18 -2.89
C LYS A 106 -9.76 3.70 -2.85
N PHE A 107 -9.40 4.40 -3.93
CA PHE A 107 -9.64 5.84 -3.98
C PHE A 107 -11.12 6.13 -4.10
N ILE A 108 -11.85 5.29 -4.84
CA ILE A 108 -13.28 5.54 -5.02
C ILE A 108 -14.01 5.42 -3.69
N ARG A 109 -13.62 4.45 -2.86
CA ARG A 109 -14.19 4.34 -1.52
C ARG A 109 -13.75 5.50 -0.64
N ALA A 110 -12.46 5.88 -0.69
CA ALA A 110 -11.99 6.94 0.22
C ALA A 110 -12.69 8.27 0.03
N ARG A 111 -13.40 8.45 -1.08
CA ARG A 111 -14.15 9.67 -1.35
C ARG A 111 -15.65 9.40 -1.47
N LYS A 112 -16.13 8.31 -0.86
CA LYS A 112 -17.56 8.02 -0.77
C LYS A 112 -18.19 7.88 -2.16
N TRP A 113 -17.45 7.34 -3.11
CA TRP A 113 -17.93 7.13 -4.47
C TRP A 113 -18.27 8.42 -5.22
N ASN A 114 -17.88 9.59 -4.73
CA ASN A 114 -18.10 10.81 -5.51
C ASN A 114 -17.07 10.87 -6.62
N ALA A 115 -17.55 10.72 -7.86
CA ALA A 115 -16.67 10.64 -9.03
C ALA A 115 -15.59 11.70 -8.98
N ASP A 116 -16.00 12.95 -8.83
CA ASP A 116 -15.12 14.06 -9.14
C ASP A 116 -14.06 14.25 -8.07
N LYS A 117 -14.45 14.22 -6.79
CA LYS A 117 -13.42 14.29 -5.76
C LYS A 117 -12.54 13.04 -5.79
N THR A 118 -13.06 11.93 -6.30
CA THR A 118 -12.25 10.72 -6.43
C THR A 118 -11.17 10.91 -7.48
N ILE A 119 -11.55 11.41 -8.67
CA ILE A 119 -10.55 11.64 -9.71
C ILE A 119 -9.56 12.71 -9.25
N ALA A 120 -10.04 13.68 -8.48
CA ALA A 120 -9.18 14.69 -7.86
C ALA A 120 -8.12 14.05 -6.96
N MET A 121 -8.57 13.32 -5.93
CA MET A 121 -7.65 12.64 -5.03
C MET A 121 -6.68 11.72 -5.76
N LEU A 122 -7.16 11.04 -6.82
CA LEU A 122 -6.36 10.04 -7.51
C LEU A 122 -5.30 10.67 -8.39
N GLY A 123 -5.70 11.64 -9.22
CA GLY A 123 -4.73 12.38 -10.00
C GLY A 123 -3.68 13.05 -9.14
N HIS A 124 -4.10 13.57 -7.97
CA HIS A 124 -3.11 14.13 -7.05
C HIS A 124 -2.16 13.04 -6.54
N ASP A 125 -2.67 11.83 -6.25
CA ASP A 125 -1.77 10.74 -5.90
C ASP A 125 -0.73 10.54 -7.00
N LEU A 126 -1.19 10.38 -8.26
CA LEU A 126 -0.24 10.12 -9.35
C LEU A 126 0.80 11.23 -9.45
N TYR A 127 0.38 12.49 -9.31
CA TYR A 127 1.32 13.62 -9.43
C TYR A 127 2.33 13.65 -8.29
N TRP A 128 2.00 13.03 -7.15
CA TRP A 128 2.95 12.96 -6.03
C TRP A 128 3.75 11.67 -6.00
N ARG A 129 3.29 10.63 -6.67
CA ARG A 129 3.98 9.36 -6.55
C ARG A 129 4.91 9.17 -7.69
N LYS A 130 4.39 9.41 -8.87
CA LYS A 130 5.19 9.25 -10.05
C LYS A 130 5.95 7.97 -9.98
N ASP A 131 7.25 8.06 -10.10
CA ASP A 131 8.07 6.85 -10.16
C ASP A 131 9.03 6.82 -8.98
N THR A 132 8.72 7.61 -7.96
CA THR A 132 9.52 7.63 -6.75
C THR A 132 9.26 6.42 -5.89
N ILE A 133 7.99 6.08 -5.67
CA ILE A 133 7.72 5.01 -4.75
C ILE A 133 8.24 3.70 -5.32
N ASN A 134 7.99 3.46 -6.61
CA ASN A 134 8.66 2.39 -7.35
C ASN A 134 10.13 2.26 -6.97
N LYS A 135 10.86 3.36 -7.16
CA LYS A 135 12.31 3.34 -6.93
C LYS A 135 12.62 3.03 -5.48
N ILE A 136 11.80 3.56 -4.55
CA ILE A 136 12.04 3.31 -3.13
C ILE A 136 11.94 1.82 -2.84
N ILE A 137 10.98 1.16 -3.43
CA ILE A 137 10.75 -0.20 -2.99
C ILE A 137 11.62 -1.20 -3.77
N ASN A 138 11.94 -0.89 -5.02
CA ASN A 138 12.79 -1.77 -5.80
C ASN A 138 14.25 -1.64 -5.39
N GLY A 139 14.67 -0.48 -4.89
CA GLY A 139 16.00 -0.36 -4.33
C GLY A 139 16.08 -0.87 -2.91
N GLY A 140 14.97 -0.87 -2.18
CA GLY A 140 14.94 -1.52 -0.90
C GLY A 140 15.86 -0.86 0.12
N GLU A 141 16.31 -1.70 1.07
CA GLU A 141 17.34 -1.27 2.01
C GLU A 141 18.70 -1.23 1.35
N ARG A 142 18.89 -1.99 0.28
CA ARG A 142 20.20 -2.14 -0.32
C ARG A 142 20.70 -0.84 -0.93
N ALA A 143 19.85 -0.15 -1.70
CA ALA A 143 20.30 1.11 -2.30
C ALA A 143 20.22 2.28 -1.33
N VAL A 144 19.60 2.09 -0.17
CA VAL A 144 19.69 3.07 0.91
C VAL A 144 21.02 2.97 1.62
N TYR A 145 21.43 1.74 1.94
CA TYR A 145 22.78 1.51 2.45
C TYR A 145 23.83 1.94 1.45
N GLU A 146 23.62 1.60 0.19
CA GLU A 146 24.56 1.94 -0.86
C GLU A 146 24.72 3.44 -0.98
N ASN A 147 23.59 4.16 -1.01
CA ASN A 147 23.58 5.61 -1.08
C ASN A 147 23.86 6.26 0.27
N ASN A 148 24.26 5.46 1.27
CA ASN A 148 24.70 5.93 2.58
C ASN A 148 23.88 7.13 3.07
N GLU A 149 22.56 6.97 2.96
CA GLU A 149 21.56 7.90 3.47
C GLU A 149 21.42 7.68 4.98
N THR A 150 21.87 8.67 5.76
CA THR A 150 22.13 8.47 7.20
C THR A 150 20.85 8.16 7.97
N GLY A 151 19.78 8.93 7.75
CA GLY A 151 18.57 8.78 8.54
C GLY A 151 17.76 7.55 8.20
N VAL A 152 17.67 7.21 6.93
CA VAL A 152 17.01 5.95 6.57
C VAL A 152 17.72 4.78 7.26
N ILE A 153 19.04 4.88 7.38
CA ILE A 153 19.81 3.77 7.96
C ILE A 153 19.60 3.71 9.48
N LYS A 154 19.59 4.87 10.17
CA LYS A 154 19.28 4.81 11.59
C LYS A 154 17.89 4.23 11.84
N ASN A 155 16.89 4.67 11.06
CA ASN A 155 15.52 4.21 11.29
C ASN A 155 15.41 2.71 11.07
N LEU A 156 15.98 2.20 9.97
CA LEU A 156 15.97 0.75 9.77
C LEU A 156 16.71 0.04 10.89
N GLU A 157 17.89 0.56 11.26
CA GLU A 157 18.69 -0.07 12.30
C GLU A 157 17.97 -0.04 13.64
N LEU A 158 17.27 1.06 13.94
CA LEU A 158 16.51 1.14 15.17
C LEU A 158 15.38 0.12 15.22
N GLN A 159 14.93 -0.37 14.07
CA GLN A 159 13.73 -1.19 14.01
C GLN A 159 12.59 -0.45 14.68
N LYS A 160 12.66 0.87 14.57
CA LYS A 160 11.57 1.76 14.96
C LYS A 160 10.24 1.29 14.40
N ALA A 161 10.21 0.96 13.11
CA ALA A 161 9.06 0.37 12.48
C ALA A 161 9.51 -0.91 11.80
N THR A 162 8.73 -1.98 12.01
CA THR A 162 9.07 -3.29 11.43
C THR A 162 7.81 -4.11 11.17
N ILE A 163 7.95 -5.15 10.34
CA ILE A 163 6.86 -6.07 10.01
C ILE A 163 7.00 -7.32 10.85
N GLN A 164 5.91 -7.71 11.51
CA GLN A 164 6.01 -8.73 12.53
C GLN A 164 5.03 -9.88 12.36
N GLY A 165 4.23 -9.89 11.29
CA GLY A 165 3.31 -10.97 11.08
C GLY A 165 1.90 -10.54 10.74
N TYR A 166 0.93 -11.34 11.12
CA TYR A 166 -0.41 -11.21 10.59
C TYR A 166 -1.43 -11.22 11.72
N ASP A 167 -2.53 -10.52 11.50
CA ASP A 167 -3.61 -10.53 12.47
C ASP A 167 -4.64 -11.57 12.03
N ASN A 168 -5.73 -11.67 12.81
CA ASN A 168 -6.73 -12.70 12.56
C ASN A 168 -7.30 -12.62 11.16
N ASP A 169 -7.26 -11.44 10.55
CA ASP A 169 -7.77 -11.27 9.21
C ASP A 169 -6.66 -11.34 8.17
N MET A 170 -5.52 -11.94 8.51
CA MET A 170 -4.39 -12.12 7.59
C MET A 170 -3.86 -10.79 7.06
N ARG A 171 -3.99 -9.69 7.81
CA ARG A 171 -3.34 -8.46 7.42
C ARG A 171 -1.90 -8.43 7.93
N PRO A 172 -0.94 -7.92 7.14
CA PRO A 172 0.38 -7.67 7.70
C PRO A 172 0.28 -6.67 8.85
N VAL A 173 1.17 -6.84 9.84
CA VAL A 173 1.17 -6.04 11.06
C VAL A 173 2.54 -5.38 11.19
N ILE A 174 2.52 -4.10 11.56
CA ILE A 174 3.72 -3.29 11.74
C ILE A 174 3.85 -2.92 13.21
N LEU A 175 4.89 -3.39 13.85
CA LEU A 175 5.26 -2.90 15.16
C LEU A 175 5.90 -1.52 15.02
N VAL A 176 5.25 -0.51 15.59
CA VAL A 176 5.90 0.76 15.86
C VAL A 176 6.00 0.92 17.36
N ARG A 177 7.20 1.27 17.81
CA ARG A 177 7.51 1.49 19.22
C ARG A 177 8.18 2.86 19.26
N PRO A 178 7.41 3.92 19.46
CA PRO A 178 7.99 5.26 19.35
C PRO A 178 9.02 5.55 20.42
N ARG A 179 9.09 4.73 21.48
CA ARG A 179 10.07 4.99 22.53
C ARG A 179 11.48 5.06 21.96
N LEU A 180 11.64 4.75 20.67
CA LEU A 180 12.93 4.78 19.99
C LEU A 180 13.00 5.89 18.96
N HIS A 181 12.04 6.79 18.92
CA HIS A 181 12.13 7.91 17.99
C HIS A 181 12.75 9.13 18.68
N HIS A 182 13.65 9.81 17.97
CA HIS A 182 14.12 11.13 18.32
C HIS A 182 14.23 11.96 17.06
N SER A 183 13.80 13.22 17.12
CA SER A 183 13.82 14.05 15.93
C SER A 183 15.22 14.37 15.45
N SER A 184 16.26 14.13 16.26
CA SER A 184 17.62 14.39 15.83
C SER A 184 18.19 13.26 14.97
N ASP A 185 17.62 12.05 15.05
CA ASP A 185 18.19 10.92 14.34
C ASP A 185 18.14 11.13 12.83
N GLN A 186 16.99 11.56 12.33
CA GLN A 186 16.73 11.59 10.89
C GLN A 186 16.10 12.92 10.54
N THR A 187 16.37 13.37 9.32
CA THR A 187 15.71 14.57 8.83
C THR A 187 14.26 14.23 8.48
N GLU A 188 13.43 15.28 8.42
CA GLU A 188 12.02 15.03 8.14
C GLU A 188 11.85 14.28 6.83
N GLN A 189 12.58 14.67 5.78
CA GLN A 189 12.37 14.01 4.51
C GLN A 189 12.93 12.59 4.51
N GLU A 190 14.04 12.36 5.22
CA GLU A 190 14.51 11.00 5.39
C GLU A 190 13.50 10.15 6.14
N LEU A 191 12.72 10.76 7.05
CA LEU A 191 11.72 10.00 7.80
C LEU A 191 10.51 9.67 6.94
N GLU A 192 10.07 10.62 6.11
CA GLU A 192 9.09 10.34 5.06
C GLU A 192 9.54 9.16 4.20
N LYS A 193 10.84 9.09 3.84
CA LYS A 193 11.31 7.96 3.04
C LYS A 193 11.28 6.64 3.82
N PHE A 194 11.76 6.63 5.06
CA PHE A 194 11.68 5.39 5.85
C PHE A 194 10.24 4.90 5.97
N SER A 195 9.30 5.83 6.16
CA SER A 195 7.89 5.46 6.32
C SER A 195 7.35 4.84 5.05
N LEU A 196 7.52 5.54 3.94
CA LEU A 196 7.06 5.00 2.68
C LEU A 196 7.67 3.61 2.44
N LEU A 197 8.93 3.42 2.80
CA LEU A 197 9.53 2.11 2.55
C LEU A 197 8.90 1.04 3.43
N VAL A 198 8.72 1.32 4.71
CA VAL A 198 8.10 0.34 5.59
C VAL A 198 6.72 -0.03 5.07
N ILE A 199 5.97 0.95 4.61
CA ILE A 199 4.61 0.63 4.22
C ILE A 199 4.60 -0.13 2.90
N GLU A 200 5.46 0.24 1.94
CA GLU A 200 5.49 -0.50 0.67
C GLU A 200 5.97 -1.93 0.87
N GLN A 201 6.82 -2.13 1.87
CA GLN A 201 7.13 -3.49 2.29
C GLN A 201 5.91 -4.16 2.87
N SER A 202 5.07 -3.42 3.57
CA SER A 202 3.90 -4.10 4.10
C SER A 202 2.95 -4.46 2.97
N LYS A 203 2.94 -3.65 1.93
CA LYS A 203 2.07 -3.89 0.79
C LYS A 203 2.53 -5.12 0.02
N LEU A 204 3.83 -5.39 0.01
CA LEU A 204 4.32 -6.59 -0.66
C LEU A 204 3.72 -7.89 -0.12
N PHE A 205 3.15 -7.87 1.10
CA PHE A 205 2.61 -9.07 1.75
C PHE A 205 1.20 -9.43 1.29
N PHE A 206 0.55 -8.56 0.54
CA PHE A 206 -0.90 -8.56 0.42
C PHE A 206 -1.48 -9.85 -0.10
N LYS A 207 -2.17 -10.57 0.80
CA LYS A 207 -2.85 -11.81 0.46
C LYS A 207 -4.06 -11.54 -0.41
N GLU A 208 -4.17 -12.25 -1.53
CA GLU A 208 -5.40 -12.20 -2.31
C GLU A 208 -6.50 -12.93 -1.56
N ASN A 209 -7.75 -12.49 -1.78
CA ASN A 209 -8.98 -12.93 -1.10
C ASN A 209 -9.00 -12.57 0.39
N TYR A 210 -7.98 -11.86 0.87
CA TYR A 210 -7.83 -11.32 2.22
C TYR A 210 -7.59 -9.82 2.11
N PRO A 211 -7.88 -9.05 3.17
CA PRO A 211 -7.70 -7.60 3.08
C PRO A 211 -6.33 -7.21 2.53
N ALA A 212 -6.36 -6.20 1.69
CA ALA A 212 -5.18 -5.45 1.34
C ALA A 212 -5.19 -4.17 2.16
N SER A 213 -5.01 -4.38 3.46
CA SER A 213 -4.71 -3.32 4.40
C SER A 213 -3.69 -3.86 5.39
N THR A 214 -3.11 -2.95 6.16
CA THR A 214 -2.07 -3.24 7.12
C THR A 214 -2.49 -2.76 8.50
N THR A 215 -2.26 -3.61 9.52
CA THR A 215 -2.52 -3.27 10.93
C THR A 215 -1.25 -2.69 11.53
N ILE A 216 -1.41 -1.72 12.42
CA ILE A 216 -0.31 -1.06 13.12
C ILE A 216 -0.46 -1.27 14.62
N LEU A 217 0.59 -1.80 15.25
CA LEU A 217 0.65 -2.02 16.68
C LEU A 217 1.50 -0.91 17.26
N PHE A 218 0.86 0.08 17.92
CA PHE A 218 1.58 1.18 18.57
C PHE A 218 1.84 0.88 20.02
N ASP A 219 3.06 0.42 20.31
CA ASP A 219 3.50 0.21 21.68
C ASP A 219 3.91 1.56 22.24
N LEU A 220 2.97 2.20 22.92
CA LEU A 220 3.30 3.41 23.67
C LEU A 220 3.99 3.10 24.98
N ASN A 221 4.18 1.82 25.29
CA ASN A 221 4.91 1.42 26.48
C ASN A 221 6.34 1.94 26.37
N GLY A 222 6.69 2.85 27.28
CA GLY A 222 7.99 3.49 27.28
C GLY A 222 8.05 4.90 26.71
N PHE A 223 6.90 5.54 26.50
CA PHE A 223 6.85 6.80 25.75
C PHE A 223 6.88 7.98 26.71
N SER A 224 7.90 8.83 26.56
CA SER A 224 8.03 10.06 27.32
C SER A 224 8.24 11.20 26.33
N MET A 225 8.24 12.43 26.83
CA MET A 225 8.22 13.57 25.91
C MET A 225 9.55 13.81 25.20
N SER A 226 10.59 13.04 25.52
CA SER A 226 11.81 13.10 24.72
C SER A 226 11.58 12.58 23.31
N ASN A 227 10.63 11.66 23.14
CA ASN A 227 10.46 10.95 21.89
C ASN A 227 9.52 11.63 20.92
N MET A 228 8.89 12.75 21.28
CA MET A 228 7.79 13.25 20.48
C MET A 228 8.27 14.26 19.43
N ASP A 229 7.82 14.05 18.18
CA ASP A 229 8.16 14.84 16.99
C ASP A 229 6.87 15.01 16.17
N TYR A 230 6.19 16.13 16.36
CA TYR A 230 4.84 16.29 15.82
C TYR A 230 4.86 16.48 14.31
N ALA A 231 5.81 17.28 13.83
CA ALA A 231 5.90 17.68 12.44
C ALA A 231 5.84 16.47 11.51
N PRO A 232 6.72 15.48 11.67
CA PRO A 232 6.60 14.32 10.80
C PRO A 232 5.34 13.54 11.03
N VAL A 233 4.77 13.58 12.23
CA VAL A 233 3.55 12.81 12.46
C VAL A 233 2.41 13.34 11.60
N LYS A 234 2.10 14.63 11.76
CA LYS A 234 1.15 15.30 10.87
C LYS A 234 1.47 15.03 9.41
N PHE A 235 2.74 15.19 9.06
CA PHE A 235 3.11 15.10 7.65
C PHE A 235 2.86 13.70 7.12
N LEU A 236 3.13 12.70 7.94
CA LEU A 236 2.87 11.32 7.54
C LEU A 236 1.39 11.04 7.50
N ILE A 237 0.63 11.58 8.43
CA ILE A 237 -0.80 11.32 8.42
C ILE A 237 -1.46 11.96 7.20
N THR A 238 -1.01 13.16 6.83
CA THR A 238 -1.50 13.74 5.59
C THR A 238 -1.06 12.93 4.38
N CYS A 239 0.27 12.67 4.28
CA CYS A 239 0.83 11.71 3.33
C CYS A 239 -0.07 10.52 3.15
N PHE A 240 -0.42 9.89 4.27
CA PHE A 240 -1.08 8.60 4.26
C PHE A 240 -2.54 8.71 3.85
N GLU A 241 -3.31 9.58 4.51
CA GLU A 241 -4.72 9.64 4.16
C GLU A 241 -4.93 10.08 2.73
N ALA A 242 -4.02 10.88 2.18
CA ALA A 242 -4.23 11.31 0.82
C ALA A 242 -3.62 10.37 -0.20
N HIS A 243 -2.68 9.51 0.21
CA HIS A 243 -1.94 8.70 -0.73
C HIS A 243 -2.03 7.20 -0.49
N TYR A 244 -2.50 6.77 0.65
CA TYR A 244 -2.68 5.34 0.88
C TYR A 244 -4.07 5.13 1.46
N PRO A 245 -5.08 5.46 0.66
CA PRO A 245 -6.45 5.44 1.15
C PRO A 245 -6.93 4.02 1.25
N GLU A 246 -7.66 3.73 2.32
CA GLU A 246 -8.27 2.43 2.52
C GLU A 246 -7.20 1.36 2.69
N SER A 247 -6.03 1.78 3.15
CA SER A 247 -4.91 0.88 3.36
C SER A 247 -4.71 0.45 4.81
N LEU A 248 -5.38 1.09 5.77
CA LEU A 248 -5.23 0.79 7.19
C LEU A 248 -6.34 -0.16 7.61
N GLY A 249 -5.97 -1.25 8.29
CA GLY A 249 -6.99 -2.09 8.89
C GLY A 249 -7.38 -1.68 10.30
N HIS A 250 -6.42 -1.77 11.23
CA HIS A 250 -6.61 -1.36 12.62
C HIS A 250 -5.43 -0.53 13.07
N LEU A 251 -5.70 0.47 13.89
CA LEU A 251 -4.64 1.19 14.58
C LEU A 251 -4.76 0.74 16.01
N LEU A 252 -3.82 -0.07 16.46
CA LEU A 252 -3.86 -0.62 17.79
C LEU A 252 -3.01 0.18 18.75
N ILE A 253 -3.56 0.48 19.92
CA ILE A 253 -2.87 1.24 20.96
C ILE A 253 -2.82 0.36 22.19
N HIS A 254 -1.65 -0.18 22.52
CA HIS A 254 -1.58 -1.31 23.44
C HIS A 254 -1.03 -0.94 24.82
N LYS A 255 -1.72 -1.42 25.89
CA LYS A 255 -1.26 -1.27 27.28
C LYS A 255 -0.63 0.10 27.46
N ALA A 256 -1.24 1.10 26.82
CA ALA A 256 -0.78 2.47 26.73
C ALA A 256 -1.50 3.20 27.86
N PRO A 257 -1.28 4.50 28.10
CA PRO A 257 -1.77 5.10 29.36
C PRO A 257 -3.22 4.75 29.67
N TRP A 258 -3.50 4.64 30.97
CA TRP A 258 -4.77 4.10 31.43
C TRP A 258 -5.91 5.11 31.45
N ILE A 259 -5.63 6.39 31.19
CA ILE A 259 -6.68 7.37 31.08
C ILE A 259 -6.61 8.15 29.79
N PHE A 260 -5.73 7.72 28.90
CA PHE A 260 -5.46 8.33 27.63
C PHE A 260 -6.18 7.58 26.51
N ASN A 261 -7.03 6.62 26.93
CA ASN A 261 -8.19 5.97 26.33
C ASN A 261 -9.50 6.73 26.52
N PRO A 262 -9.88 7.17 27.74
CA PRO A 262 -11.22 7.76 27.92
C PRO A 262 -11.63 8.85 26.93
N ILE A 263 -10.84 9.94 26.81
CA ILE A 263 -11.19 11.07 25.96
C ILE A 263 -11.43 10.68 24.50
N TRP A 264 -10.79 9.61 24.03
CA TRP A 264 -11.06 9.17 22.67
C TRP A 264 -12.53 8.83 22.49
N ASN A 265 -13.14 8.25 23.52
CA ASN A 265 -14.34 7.43 23.40
C ASN A 265 -15.57 8.24 23.03
N ILE A 266 -15.57 9.53 23.29
CA ILE A 266 -16.60 10.37 22.71
C ILE A 266 -16.10 11.29 21.61
N ILE A 267 -14.78 11.59 21.56
CA ILE A 267 -14.23 12.33 20.41
C ILE A 267 -14.51 11.65 19.08
N LYS A 268 -14.59 10.32 19.07
CA LYS A 268 -14.87 9.68 17.80
C LYS A 268 -16.17 10.19 17.17
N ASN A 269 -17.09 10.80 17.95
CA ASN A 269 -18.34 11.22 17.30
C ASN A 269 -18.08 12.38 16.37
N TRP A 270 -17.02 13.16 16.61
CA TRP A 270 -16.67 14.28 15.75
C TRP A 270 -15.67 13.89 14.68
N LEU A 271 -15.04 12.72 14.82
CA LEU A 271 -14.10 12.22 13.82
C LEU A 271 -14.82 11.48 12.72
N ASP A 272 -14.14 11.36 11.59
CA ASP A 272 -14.68 10.53 10.53
C ASP A 272 -14.94 9.15 11.12
N PRO A 273 -16.16 8.63 11.01
CA PRO A 273 -16.45 7.34 11.65
C PRO A 273 -15.60 6.18 11.16
N VAL A 274 -15.14 6.20 9.90
CA VAL A 274 -14.40 5.05 9.39
C VAL A 274 -13.05 4.91 10.10
N VAL A 275 -12.24 5.96 10.07
CA VAL A 275 -10.93 5.86 10.70
C VAL A 275 -11.09 5.66 12.18
N ALA A 276 -12.04 6.38 12.79
CA ALA A 276 -12.28 6.23 14.22
C ALA A 276 -12.59 4.79 14.59
N SER A 277 -13.42 4.11 13.81
CA SER A 277 -13.68 2.70 14.07
C SER A 277 -12.47 1.83 13.75
N LYS A 278 -11.61 2.36 12.91
CA LYS A 278 -10.39 1.57 12.71
C LYS A 278 -9.49 1.63 13.95
N ILE A 279 -9.42 2.73 14.72
CA ILE A 279 -8.57 2.90 15.90
C ILE A 279 -9.16 2.14 17.08
N VAL A 280 -8.33 1.33 17.72
CA VAL A 280 -8.76 0.48 18.82
C VAL A 280 -7.73 0.52 19.95
N PHE A 281 -8.20 0.79 21.15
CA PHE A 281 -7.36 0.85 22.32
C PHE A 281 -7.47 -0.48 23.05
N THR A 282 -6.34 -1.13 23.27
CA THR A 282 -6.27 -2.37 24.02
C THR A 282 -5.42 -2.12 25.24
N LYS A 283 -5.47 -2.98 26.24
CA LYS A 283 -4.57 -2.76 27.36
C LYS A 283 -3.97 -4.05 27.91
N ASN A 284 -4.16 -5.14 27.20
CA ASN A 284 -3.65 -6.42 27.68
C ASN A 284 -3.60 -7.47 26.59
N ILE A 285 -2.72 -8.45 26.79
CA ILE A 285 -2.66 -9.55 25.83
C ILE A 285 -4.04 -10.17 25.54
N ASP A 286 -4.97 -10.11 26.50
CA ASP A 286 -6.31 -10.66 26.23
C ASP A 286 -7.05 -9.83 25.19
N GLU A 287 -6.78 -8.53 25.15
CA GLU A 287 -7.36 -7.68 24.13
C GLU A 287 -6.58 -7.79 22.82
N LEU A 288 -5.31 -8.21 22.90
CA LEU A 288 -4.48 -8.51 21.74
C LEU A 288 -4.77 -9.86 21.11
N HIS A 289 -5.49 -10.72 21.81
CA HIS A 289 -5.92 -11.96 21.18
C HIS A 289 -7.14 -11.75 20.31
N LYS A 290 -7.93 -10.70 20.58
CA LYS A 290 -9.08 -10.38 19.74
C LYS A 290 -8.66 -10.06 18.32
N PHE A 291 -7.42 -9.59 18.14
CA PHE A 291 -6.95 -9.08 16.85
C PHE A 291 -5.82 -9.89 16.24
N ILE A 292 -4.76 -10.16 17.01
CA ILE A 292 -3.60 -10.88 16.52
C ILE A 292 -3.54 -12.26 17.16
N GLN A 293 -3.08 -13.24 16.38
CA GLN A 293 -2.86 -14.57 16.93
C GLN A 293 -1.58 -14.56 17.78
N PRO A 294 -1.52 -15.40 18.81
CA PRO A 294 -0.39 -15.31 19.76
C PRO A 294 0.97 -15.55 19.14
N GLN A 295 1.04 -16.25 18.00
CA GLN A 295 2.32 -16.59 17.41
C GLN A 295 3.05 -15.37 16.83
N TYR A 296 2.34 -14.27 16.53
CA TYR A 296 2.95 -13.10 15.91
C TYR A 296 3.15 -11.94 16.87
N ILE A 297 2.36 -11.87 17.93
CA ILE A 297 2.61 -10.89 18.98
C ILE A 297 4.02 -11.13 19.51
N PRO A 298 4.84 -10.09 19.69
CA PRO A 298 6.19 -10.32 20.20
C PRO A 298 6.13 -10.94 21.59
N ARG A 299 7.23 -11.60 21.97
CA ARG A 299 7.33 -12.14 23.31
C ARG A 299 7.18 -11.04 24.37
N TYR A 300 7.83 -9.89 24.15
CA TYR A 300 7.98 -8.90 25.21
C TYR A 300 6.66 -8.25 25.60
N LEU A 301 5.58 -8.58 24.90
CA LEU A 301 4.23 -8.13 25.23
C LEU A 301 3.34 -9.31 25.62
N GLY A 302 3.91 -10.51 25.73
CA GLY A 302 3.15 -11.72 25.97
C GLY A 302 2.84 -12.59 24.76
N GLY A 303 3.65 -12.56 23.71
CA GLY A 303 3.43 -13.38 22.53
C GLY A 303 4.47 -14.47 22.39
N GLU A 304 4.30 -15.28 21.34
CA GLU A 304 5.23 -16.38 21.08
C GLU A 304 6.21 -16.07 19.94
N ASN A 305 6.16 -14.86 19.36
CA ASN A 305 7.10 -14.43 18.34
C ASN A 305 8.43 -14.06 18.98
N ASP A 306 9.49 -14.78 18.61
CA ASP A 306 10.78 -14.66 19.28
C ASP A 306 11.82 -13.93 18.44
N ASN A 307 11.39 -13.11 17.48
CA ASN A 307 12.32 -12.42 16.58
C ASN A 307 13.33 -11.57 17.35
N ASP A 308 14.47 -11.31 16.71
CA ASP A 308 15.42 -10.40 17.33
C ASP A 308 14.94 -8.98 17.08
N LEU A 309 14.52 -8.32 18.15
CA LEU A 309 13.96 -6.98 18.10
C LEU A 309 14.98 -5.88 18.38
N ASP A 310 16.18 -6.24 18.85
CA ASP A 310 17.23 -5.30 19.19
C ASP A 310 18.42 -5.36 18.25
N HIS A 311 18.48 -6.36 17.39
CA HIS A 311 19.59 -6.52 16.48
C HIS A 311 19.01 -6.81 15.10
N TYR A 312 19.42 -6.02 14.13
CA TYR A 312 18.88 -6.04 12.77
C TYR A 312 19.94 -6.62 11.84
N THR A 313 19.51 -7.51 10.93
CA THR A 313 20.44 -8.23 10.06
C THR A 313 20.17 -7.80 8.62
N PRO A 314 20.69 -6.64 8.21
CA PRO A 314 20.26 -6.00 6.95
C PRO A 314 20.54 -6.88 5.74
N PRO A 315 19.85 -6.63 4.61
CA PRO A 315 20.11 -7.43 3.42
C PRO A 315 21.55 -7.27 2.98
N ASP A 316 22.25 -8.39 2.81
CA ASP A 316 23.59 -8.36 2.23
C ASP A 316 23.56 -8.53 0.71
N GLY A 317 22.38 -8.54 0.10
CA GLY A 317 22.24 -8.53 -1.34
C GLY A 317 22.31 -9.88 -2.02
N SER A 318 22.35 -10.98 -1.27
CA SER A 318 22.71 -12.26 -1.86
C SER A 318 21.56 -12.96 -2.59
N LEU A 319 20.30 -12.59 -2.33
CA LEU A 319 19.20 -13.08 -3.16
C LEU A 319 18.90 -12.15 -4.35
N ASP A 320 19.68 -11.08 -4.52
CA ASP A 320 19.49 -10.05 -5.55
C ASP A 320 20.19 -10.44 -6.85
N VAL A 321 20.36 -11.75 -7.07
CA VAL A 321 21.17 -12.21 -8.17
C VAL A 321 20.50 -12.00 -9.52
N HIS A 322 19.18 -11.87 -9.53
CA HIS A 322 18.45 -11.63 -10.77
C HIS A 322 18.28 -10.15 -11.08
N LEU A 323 18.92 -9.26 -10.32
CA LEU A 323 18.94 -7.88 -10.75
C LEU A 323 19.86 -7.68 -11.95
N LYS A 324 20.68 -8.69 -12.28
CA LYS A 324 21.57 -8.65 -13.43
C LYS A 324 20.92 -9.07 -14.73
N ASP A 325 19.99 -10.03 -14.72
CA ASP A 325 19.41 -10.56 -15.96
C ASP A 325 18.57 -9.48 -16.59
N THR A 326 19.23 -8.57 -17.30
CA THR A 326 18.48 -7.55 -18.03
C THR A 326 17.66 -8.19 -19.15
N GLU A 327 18.18 -9.27 -19.74
CA GLU A 327 17.50 -9.93 -20.86
C GLU A 327 16.21 -10.61 -20.38
N THR A 328 16.30 -11.31 -19.25
CA THR A 328 15.12 -11.95 -18.67
C THR A 328 14.10 -10.92 -18.18
N ARG A 329 14.56 -9.89 -17.47
CA ARG A 329 13.64 -8.85 -16.99
C ARG A 329 12.89 -8.21 -18.14
N ALA A 330 13.57 -7.94 -19.25
CA ALA A 330 12.86 -7.37 -20.40
C ALA A 330 11.93 -8.39 -21.04
N MET A 331 12.32 -9.67 -21.03
CA MET A 331 11.46 -10.74 -21.55
C MET A 331 10.09 -10.68 -20.88
N ILE A 332 10.12 -10.62 -19.56
CA ILE A 332 8.91 -10.56 -18.75
C ILE A 332 8.19 -9.22 -18.95
N GLU A 333 8.95 -8.10 -18.97
CA GLU A 333 8.28 -6.79 -19.04
C GLU A 333 7.56 -6.60 -20.37
N LYS A 334 8.05 -7.23 -21.45
CA LYS A 334 7.34 -7.17 -22.72
C LYS A 334 6.10 -8.03 -22.66
N GLU A 335 6.20 -9.21 -22.03
CA GLU A 335 5.00 -10.01 -21.85
C GLU A 335 3.95 -9.24 -21.04
N ARG A 336 4.40 -8.51 -20.04
CA ARG A 336 3.51 -7.72 -19.21
C ARG A 336 2.85 -6.58 -19.98
N GLU A 337 3.60 -5.89 -20.86
CA GLU A 337 2.97 -4.83 -21.65
C GLU A 337 1.91 -5.40 -22.60
N GLU A 338 2.19 -6.57 -23.20
CA GLU A 338 1.14 -7.31 -23.88
C GLU A 338 -0.12 -7.37 -23.02
N LEU A 339 0.05 -7.81 -21.78
CA LEU A 339 -1.06 -7.90 -20.85
C LEU A 339 -1.76 -6.57 -20.65
N VAL A 340 -0.99 -5.49 -20.45
CA VAL A 340 -1.63 -4.22 -20.10
C VAL A 340 -2.45 -3.71 -21.26
N GLU A 341 -1.95 -3.89 -22.49
CA GLU A 341 -2.71 -3.45 -23.65
C GLU A 341 -4.00 -4.24 -23.78
N GLN A 342 -3.92 -5.56 -23.61
CA GLN A 342 -5.14 -6.36 -23.60
C GLN A 342 -6.14 -5.80 -22.58
N PHE A 343 -5.68 -5.49 -21.37
CA PHE A 343 -6.56 -5.01 -20.31
C PHE A 343 -7.21 -3.69 -20.69
N LEU A 344 -6.43 -2.75 -21.25
CA LEU A 344 -6.99 -1.47 -21.63
C LEU A 344 -8.06 -1.63 -22.70
N THR A 345 -7.81 -2.50 -23.69
CA THR A 345 -8.79 -2.69 -24.77
C THR A 345 -10.07 -3.31 -24.25
N VAL A 346 -9.93 -4.35 -23.43
CA VAL A 346 -11.08 -5.00 -22.87
C VAL A 346 -11.82 -4.06 -21.94
N THR A 347 -11.09 -3.20 -21.23
CA THR A 347 -11.72 -2.24 -20.35
C THR A 347 -12.51 -1.20 -21.13
N ALA A 348 -11.98 -0.75 -22.27
CA ALA A 348 -12.74 0.17 -23.11
C ALA A 348 -14.01 -0.49 -23.62
N GLN A 349 -13.88 -1.69 -24.18
CA GLN A 349 -15.05 -2.44 -24.58
C GLN A 349 -16.08 -2.50 -23.47
N TRP A 350 -15.62 -2.85 -22.28
CA TRP A 350 -16.51 -2.91 -21.12
C TRP A 350 -17.20 -1.57 -20.89
N ILE A 351 -16.45 -0.47 -20.93
CA ILE A 351 -17.05 0.84 -20.65
C ILE A 351 -18.17 1.14 -21.63
N GLU A 352 -18.05 0.62 -22.86
CA GLU A 352 -19.07 0.89 -23.88
C GLU A 352 -20.22 -0.11 -23.83
N HIS A 353 -19.90 -1.40 -24.02
CA HIS A 353 -20.88 -2.45 -24.33
C HIS A 353 -22.15 -2.33 -23.50
N GLN A 354 -23.28 -2.52 -24.20
CA GLN A 354 -24.64 -2.45 -23.71
C GLN A 354 -25.44 -3.62 -24.30
N PRO A 355 -26.33 -4.26 -23.52
CA PRO A 355 -26.67 -4.04 -22.10
C PRO A 355 -25.77 -4.73 -21.04
N LEU A 356 -26.23 -4.71 -19.79
CA LEU A 356 -25.52 -5.37 -18.69
C LEU A 356 -25.87 -6.84 -18.57
N ASN A 357 -27.01 -7.25 -19.10
CA ASN A 357 -27.42 -8.64 -19.13
C ASN A 357 -26.88 -9.37 -20.35
N ASP A 358 -26.14 -8.70 -21.21
CA ASP A 358 -25.69 -9.34 -22.43
C ASP A 358 -24.68 -10.44 -22.09
N PRO A 359 -24.82 -11.61 -22.70
CA PRO A 359 -23.82 -12.67 -22.45
C PRO A 359 -22.40 -12.19 -22.67
N ALA A 360 -22.18 -11.45 -23.76
CA ALA A 360 -20.87 -10.90 -24.06
C ALA A 360 -20.35 -10.07 -22.91
N TYR A 361 -21.24 -9.45 -22.14
CA TYR A 361 -20.78 -8.63 -21.01
C TYR A 361 -20.21 -9.50 -19.91
N ILE A 362 -20.84 -10.64 -19.63
CA ILE A 362 -20.26 -11.55 -18.64
C ILE A 362 -18.98 -12.16 -19.19
N GLN A 363 -18.91 -12.41 -20.50
CA GLN A 363 -17.65 -12.76 -21.12
C GLN A 363 -16.57 -11.73 -20.82
N LEU A 364 -16.91 -10.44 -20.99
CA LEU A 364 -15.93 -9.37 -20.77
C LEU A 364 -15.46 -9.32 -19.32
N GLN A 365 -16.41 -9.47 -18.39
CA GLN A 365 -16.05 -9.47 -16.98
C GLN A 365 -15.08 -10.61 -16.67
N GLU A 366 -15.40 -11.80 -17.18
CA GLU A 366 -14.50 -12.94 -17.04
C GLU A 366 -13.11 -12.60 -17.56
N LYS A 367 -13.02 -12.11 -18.79
CA LYS A 367 -11.71 -11.80 -19.35
C LYS A 367 -10.97 -10.79 -18.48
N ARG A 368 -11.67 -9.76 -17.99
CA ARG A 368 -10.96 -8.77 -17.18
C ARG A 368 -10.40 -9.41 -15.93
N VAL A 369 -11.13 -10.35 -15.34
CA VAL A 369 -10.59 -11.02 -14.16
C VAL A 369 -9.42 -11.94 -14.54
N GLN A 370 -9.57 -12.68 -15.65
CA GLN A 370 -8.49 -13.46 -16.24
C GLN A 370 -7.24 -12.64 -16.39
N LEU A 371 -7.39 -11.47 -17.01
CA LEU A 371 -6.27 -10.59 -17.25
C LEU A 371 -5.64 -10.15 -15.95
N SER A 372 -6.45 -9.59 -15.04
CA SER A 372 -5.93 -9.15 -13.74
C SER A 372 -5.08 -10.23 -13.09
N THR A 373 -5.58 -11.46 -13.10
CA THR A 373 -4.81 -12.52 -12.47
C THR A 373 -3.54 -12.82 -13.26
N ALA A 374 -3.62 -12.79 -14.59
CA ALA A 374 -2.42 -12.99 -15.39
C ALA A 374 -1.36 -11.99 -14.99
N LEU A 375 -1.77 -10.74 -14.81
CA LEU A 375 -0.86 -9.65 -14.45
C LEU A 375 -0.26 -9.85 -13.06
N CYS A 376 -1.05 -10.37 -12.11
CA CYS A 376 -0.51 -10.66 -10.78
C CYS A 376 0.54 -11.77 -10.84
N GLU A 377 0.21 -12.90 -11.50
CA GLU A 377 1.17 -13.99 -11.69
C GLU A 377 2.43 -13.45 -12.33
N ASN A 378 2.25 -12.52 -13.27
CA ASN A 378 3.37 -12.01 -14.02
C ASN A 378 4.27 -11.17 -13.14
N TYR A 379 3.66 -10.31 -12.32
CA TYR A 379 4.50 -9.57 -11.37
C TYR A 379 5.29 -10.53 -10.50
N SER A 380 4.67 -11.63 -10.09
CA SER A 380 5.40 -12.55 -9.24
C SER A 380 6.61 -13.14 -9.97
N LYS A 381 6.48 -13.37 -11.29
CA LYS A 381 7.63 -13.79 -12.13
C LYS A 381 8.67 -12.69 -12.19
N LEU A 382 8.21 -11.45 -12.32
CA LEU A 382 9.09 -10.32 -12.56
C LEU A 382 9.89 -9.98 -11.32
N ASP A 383 9.26 -10.05 -10.15
CA ASP A 383 9.78 -9.49 -8.90
C ASP A 383 11.27 -9.72 -8.70
N PRO A 384 11.82 -10.93 -8.81
CA PRO A 384 13.24 -11.11 -8.46
C PRO A 384 14.17 -10.40 -9.40
N TYR A 385 13.64 -9.88 -10.49
CA TYR A 385 14.43 -9.21 -11.51
C TYR A 385 14.36 -7.69 -11.39
N ILE A 386 13.39 -7.17 -10.64
CA ILE A 386 13.30 -5.74 -10.41
C ILE A 386 13.48 -5.36 -8.95
N ARG A 387 13.26 -6.24 -7.99
CA ARG A 387 13.19 -5.78 -6.62
C ARG A 387 14.28 -6.44 -5.78
N SER A 388 15.15 -5.59 -5.24
CA SER A 388 16.10 -6.02 -4.23
C SER A 388 15.40 -6.77 -3.11
N ARG A 389 15.93 -7.91 -2.75
CA ARG A 389 15.33 -8.63 -1.65
C ARG A 389 15.47 -7.83 -0.38
N SER A 390 14.35 -7.73 0.35
CA SER A 390 14.22 -7.01 1.60
C SER A 390 14.43 -7.95 2.79
N VAL A 391 14.55 -7.33 3.98
CA VAL A 391 14.81 -8.09 5.19
C VAL A 391 13.78 -9.19 5.38
N TYR A 392 12.55 -8.97 4.93
CA TYR A 392 11.49 -9.95 5.08
C TYR A 392 11.53 -11.00 3.97
N ASP A 393 12.26 -10.73 2.89
CA ASP A 393 12.51 -11.79 1.92
C ASP A 393 13.46 -12.85 2.46
N TYR A 394 14.41 -12.45 3.32
CA TYR A 394 15.45 -13.38 3.73
C TYR A 394 14.99 -14.32 4.83
N ASN A 395 14.25 -13.81 5.80
CA ASN A 395 13.81 -14.62 6.92
C ASN A 395 12.69 -15.57 6.54
N GLY A 396 12.04 -15.33 5.41
CA GLY A 396 11.02 -16.22 4.91
C GLY A 396 9.60 -15.83 5.23
N SER A 397 9.39 -14.61 5.74
CA SER A 397 8.04 -14.16 6.02
C SER A 397 7.28 -13.76 4.76
N LEU A 398 8.01 -13.27 3.74
CA LEU A 398 7.43 -12.72 2.52
C LEU A 398 7.72 -13.64 1.36
N LYS A 399 6.66 -14.09 0.70
CA LYS A 399 6.77 -14.72 -0.61
C LYS A 399 5.90 -13.95 -1.59
N VAL A 400 6.46 -13.61 -2.74
CA VAL A 400 5.66 -13.02 -3.82
C VAL A 400 5.76 -13.87 -5.09
#